data_4J1X
#
_entry.id   4J1X
#
_cell.length_a   111.456
_cell.length_b   111.456
_cell.length_c   151.419
_cell.angle_alpha   90.00
_cell.angle_beta   90.00
_cell.angle_gamma   90.00
#
_symmetry.space_group_name_H-M   'P 42 21 2'
#
loop_
_entity.id
_entity.type
_entity.pdbx_description
1 polymer Epoxidase
2 non-polymer 'FE (II) ION'
3 non-polymer '[(1S)-1-hydroxypropyl]phosphonic acid'
4 non-polymer GLYCEROL
5 water water
#
_entity_poly.entity_id   1
_entity_poly.type   'polypeptide(L)'
_entity_poly.pdbx_seq_one_letter_code
;SNTKTASTGFAELLKDRREQVKMDHAALASLLGETPETVAAWENGEGGELTLTQLGRIAHVLGTSIGALTPPAGNDLDDG
VIIQMPDERPILKGVRDNVDYYVYNCLVRTKRAPSLVPLVVDVLTDNPDDAKFNSGHAGNEFLFVLEGEIHMKWGDKENP
KEALLPTGASMFVEEHVPHAFTAAKGTGSAKLIAVNF
;
_entity_poly.pdbx_strand_id   A,B,C
#
# COMPACT_ATOMS: atom_id res chain seq x y z
N THR A 5 23.47 2.90 -8.25
CA THR A 5 23.00 4.19 -7.69
C THR A 5 21.47 4.22 -7.50
N ALA A 6 21.04 4.78 -6.37
CA ALA A 6 19.61 4.87 -6.05
C ALA A 6 18.79 5.37 -7.22
N SER A 7 19.21 6.51 -7.77
CA SER A 7 18.52 7.15 -8.90
C SER A 7 18.39 6.27 -10.14
N THR A 8 19.50 5.67 -10.57
CA THR A 8 19.50 4.83 -11.75
C THR A 8 18.74 3.52 -11.56
N GLY A 9 18.93 2.90 -10.40
CA GLY A 9 18.23 1.66 -10.12
C GLY A 9 16.75 1.93 -10.15
N PHE A 10 16.37 3.05 -9.56
CA PHE A 10 14.97 3.47 -9.50
C PHE A 10 14.47 3.80 -10.90
N ALA A 11 15.27 4.54 -11.65
CA ALA A 11 14.92 4.93 -13.00
C ALA A 11 14.63 3.71 -13.87
N GLU A 12 15.47 2.68 -13.74
CA GLU A 12 15.29 1.47 -14.55
C GLU A 12 14.11 0.62 -14.08
N LEU A 13 14.00 0.44 -12.77
CA LEU A 13 12.94 -0.35 -12.17
C LEU A 13 11.56 0.28 -12.31
N LEU A 14 11.48 1.60 -12.24
CA LEU A 14 10.21 2.30 -12.38
C LEU A 14 9.64 2.02 -13.77
N LYS A 15 10.49 2.19 -14.78
CA LYS A 15 10.10 1.95 -16.16
C LYS A 15 9.65 0.49 -16.32
N ASP A 16 10.33 -0.42 -15.63
CA ASP A 16 9.94 -1.84 -15.70
C ASP A 16 8.52 -2.02 -15.19
N ARG A 17 8.28 -1.62 -13.94
CA ARG A 17 6.96 -1.77 -13.34
C ARG A 17 5.87 -1.05 -14.14
N ARG A 18 6.15 0.17 -14.57
CA ARG A 18 5.15 0.91 -15.35
C ARG A 18 4.69 0.10 -16.55
N GLU A 19 5.64 -0.39 -17.33
CA GLU A 19 5.33 -1.18 -18.51
C GLU A 19 4.62 -2.48 -18.13
N GLN A 20 5.07 -3.07 -17.04
CA GLN A 20 4.50 -4.33 -16.55
C GLN A 20 2.98 -4.22 -16.34
N VAL A 21 2.50 -3.07 -15.87
CA VAL A 21 1.07 -2.88 -15.64
C VAL A 21 0.41 -2.07 -16.77
N LYS A 22 1.07 -2.12 -17.93
CA LYS A 22 0.62 -1.46 -19.14
C LYS A 22 0.18 -0.01 -18.95
N MET A 23 1.11 0.82 -18.51
CA MET A 23 0.85 2.24 -18.32
C MET A 23 1.91 3.02 -19.10
N ASP A 24 1.52 4.16 -19.68
CA ASP A 24 2.49 4.99 -20.39
C ASP A 24 2.80 6.17 -19.46
N HIS A 25 3.69 7.05 -19.87
CA HIS A 25 4.03 8.18 -19.01
C HIS A 25 2.76 8.94 -18.63
N ALA A 26 1.89 9.12 -19.62
CA ALA A 26 0.63 9.84 -19.43
C ALA A 26 -0.26 9.21 -18.36
N ALA A 27 -0.51 7.92 -18.50
CA ALA A 27 -1.36 7.17 -17.57
C ALA A 27 -0.86 7.21 -16.13
N LEU A 28 0.45 6.99 -15.97
CA LEU A 28 1.04 6.99 -14.64
C LEU A 28 1.02 8.41 -14.07
N ALA A 29 1.45 9.37 -14.88
CA ALA A 29 1.46 10.76 -14.43
C ALA A 29 0.09 11.17 -13.87
N SER A 30 -0.97 10.72 -14.55
CA SER A 30 -2.34 11.04 -14.18
C SER A 30 -2.79 10.51 -12.81
N LEU A 31 -2.39 9.29 -12.49
CA LEU A 31 -2.78 8.71 -11.22
C LEU A 31 -2.02 9.36 -10.09
N LEU A 32 -0.86 9.93 -10.41
CA LEU A 32 -0.02 10.55 -9.38
C LEU A 32 -0.21 12.03 -9.23
N GLY A 33 -0.88 12.65 -10.20
CA GLY A 33 -1.08 14.08 -10.13
C GLY A 33 0.18 14.83 -10.54
N GLU A 34 0.93 14.22 -11.45
CA GLU A 34 2.17 14.79 -11.97
C GLU A 34 2.02 14.95 -13.47
N THR A 35 3.01 15.53 -14.12
CA THR A 35 2.96 15.72 -15.57
C THR A 35 3.76 14.62 -16.23
N PRO A 36 3.46 14.30 -17.50
CA PRO A 36 4.22 13.24 -18.17
C PRO A 36 5.73 13.48 -18.13
N GLU A 37 6.16 14.74 -18.28
CA GLU A 37 7.58 15.07 -18.24
C GLU A 37 8.22 14.58 -16.96
N THR A 38 7.61 14.95 -15.84
CA THR A 38 8.09 14.56 -14.52
C THR A 38 8.40 13.06 -14.49
N VAL A 39 7.40 12.24 -14.78
CA VAL A 39 7.58 10.80 -14.80
C VAL A 39 8.76 10.42 -15.71
N ALA A 40 8.77 10.95 -16.93
CA ALA A 40 9.85 10.66 -17.87
C ALA A 40 11.22 11.01 -17.28
N ALA A 41 11.28 12.13 -16.56
CA ALA A 41 12.53 12.57 -15.93
C ALA A 41 13.00 11.53 -14.93
N TRP A 42 12.06 11.03 -14.12
CA TRP A 42 12.37 10.01 -13.13
C TRP A 42 13.02 8.81 -13.80
N GLU A 43 12.38 8.33 -14.87
CA GLU A 43 12.88 7.17 -15.59
C GLU A 43 14.22 7.47 -16.22
N ASN A 44 14.64 8.73 -16.10
CA ASN A 44 15.91 9.15 -16.65
C ASN A 44 16.92 9.51 -15.54
N GLY A 45 16.77 8.88 -14.38
CA GLY A 45 17.69 9.10 -13.28
C GLY A 45 17.55 10.40 -12.51
N GLU A 46 16.49 11.15 -12.75
CA GLU A 46 16.30 12.42 -12.05
C GLU A 46 15.36 12.33 -10.85
N GLY A 47 15.15 11.11 -10.33
CA GLY A 47 14.27 10.96 -9.18
C GLY A 47 14.96 11.12 -7.83
N GLY A 48 16.28 11.31 -7.87
CA GLY A 48 17.07 11.47 -6.67
C GLY A 48 16.50 12.20 -5.46
N GLU A 49 15.77 13.29 -5.70
CA GLU A 49 15.23 14.06 -4.58
C GLU A 49 13.84 13.67 -4.12
N LEU A 50 13.29 12.59 -4.68
CA LEU A 50 11.96 12.15 -4.28
C LEU A 50 11.98 11.75 -2.81
N THR A 51 11.00 12.21 -2.05
CA THR A 51 10.96 11.86 -0.63
C THR A 51 10.43 10.45 -0.40
N LEU A 52 10.69 9.91 0.79
CA LEU A 52 10.23 8.57 1.13
C LEU A 52 8.72 8.45 0.97
N THR A 53 7.99 9.44 1.48
CA THR A 53 6.54 9.42 1.39
C THR A 53 6.09 9.43 -0.07
N GLN A 54 6.79 10.20 -0.90
CA GLN A 54 6.46 10.27 -2.31
C GLN A 54 6.72 8.93 -2.97
N LEU A 55 7.85 8.29 -2.63
CA LEU A 55 8.18 6.98 -3.18
C LEU A 55 7.08 6.04 -2.74
N GLY A 56 6.57 6.25 -1.53
CA GLY A 56 5.49 5.43 -1.01
C GLY A 56 4.27 5.45 -1.90
N ARG A 57 3.91 6.62 -2.40
CA ARG A 57 2.74 6.77 -3.27
C ARG A 57 2.95 6.16 -4.65
N ILE A 58 4.11 6.44 -5.25
CA ILE A 58 4.40 5.89 -6.56
C ILE A 58 4.26 4.38 -6.48
N ALA A 59 4.82 3.80 -5.43
CA ALA A 59 4.74 2.35 -5.23
C ALA A 59 3.28 1.90 -5.11
N HIS A 60 2.49 2.71 -4.41
CA HIS A 60 1.09 2.42 -4.19
C HIS A 60 0.26 2.42 -5.48
N VAL A 61 0.37 3.47 -6.29
CA VAL A 61 -0.41 3.52 -7.53
C VAL A 61 0.03 2.42 -8.47
N LEU A 62 1.27 1.97 -8.29
CA LEU A 62 1.78 0.88 -9.13
C LEU A 62 1.56 -0.46 -8.42
N GLY A 63 0.69 -0.46 -7.43
CA GLY A 63 0.34 -1.66 -6.68
C GLY A 63 1.49 -2.56 -6.29
N THR A 64 2.56 -1.98 -5.77
CA THR A 64 3.73 -2.75 -5.37
C THR A 64 4.45 -2.05 -4.20
N SER A 65 5.68 -2.46 -3.92
CA SER A 65 6.45 -1.88 -2.81
C SER A 65 7.60 -0.98 -3.26
N ILE A 66 8.12 -0.17 -2.33
CA ILE A 66 9.23 0.70 -2.65
C ILE A 66 10.41 -0.19 -3.00
N GLY A 67 10.53 -1.29 -2.24
CA GLY A 67 11.59 -2.26 -2.47
C GLY A 67 11.63 -2.76 -3.90
N ALA A 68 10.47 -3.10 -4.45
CA ALA A 68 10.40 -3.59 -5.82
C ALA A 68 10.86 -2.52 -6.81
N LEU A 69 10.86 -1.27 -6.38
CA LEU A 69 11.25 -0.16 -7.26
C LEU A 69 12.66 0.36 -7.03
N THR A 70 13.30 -0.05 -5.94
CA THR A 70 14.68 0.37 -5.68
C THR A 70 15.64 -0.80 -5.97
N PRO A 71 16.89 -0.48 -6.35
CA PRO A 71 17.89 -1.51 -6.67
C PRO A 71 18.40 -2.30 -5.48
N PRO A 72 19.04 -3.44 -5.75
CA PRO A 72 19.59 -4.29 -4.69
C PRO A 72 20.74 -3.61 -3.94
N ALA A 73 21.07 -4.13 -2.77
CA ALA A 73 22.14 -3.59 -1.93
C ALA A 73 23.37 -3.12 -2.68
N GLY A 74 23.76 -3.85 -3.73
CA GLY A 74 24.93 -3.45 -4.47
C GLY A 74 26.05 -4.42 -4.19
N ASN A 75 27.11 -4.36 -4.98
CA ASN A 75 28.23 -5.27 -4.79
C ASN A 75 29.41 -4.57 -4.15
N ASP A 76 30.08 -5.25 -3.22
CA ASP A 76 31.24 -4.67 -2.54
C ASP A 76 32.39 -5.66 -2.44
N LEU A 77 32.32 -6.72 -3.24
CA LEU A 77 33.35 -7.76 -3.23
C LEU A 77 34.49 -7.50 -4.21
N ASP A 78 35.63 -8.13 -3.93
CA ASP A 78 36.82 -8.01 -4.77
C ASP A 78 37.05 -9.36 -5.45
N ASP A 79 36.37 -9.56 -6.58
CA ASP A 79 36.50 -10.80 -7.33
C ASP A 79 35.91 -11.98 -6.59
N GLY A 80 34.87 -11.71 -5.81
CA GLY A 80 34.21 -12.77 -5.08
C GLY A 80 34.38 -12.72 -3.59
N VAL A 81 35.44 -12.06 -3.11
CA VAL A 81 35.65 -12.01 -1.67
C VAL A 81 35.85 -10.61 -1.09
N ILE A 82 35.72 -10.55 0.23
CA ILE A 82 35.89 -9.32 0.99
C ILE A 82 36.66 -9.76 2.24
N ILE A 83 37.64 -8.97 2.66
CA ILE A 83 38.45 -9.33 3.83
C ILE A 83 38.46 -8.25 4.88
N GLN A 84 38.58 -8.65 6.14
CA GLN A 84 38.62 -7.70 7.25
C GLN A 84 39.77 -8.07 8.20
N MET A 85 40.66 -7.11 8.45
CA MET A 85 41.78 -7.34 9.35
C MET A 85 41.27 -7.08 10.77
N PRO A 86 41.78 -7.83 11.76
CA PRO A 86 41.37 -7.71 13.16
C PRO A 86 41.36 -6.32 13.79
N ASP A 87 42.19 -5.42 13.28
CA ASP A 87 42.26 -4.08 13.85
C ASP A 87 41.23 -3.11 13.28
N GLU A 88 40.45 -3.53 12.29
CA GLU A 88 39.45 -2.63 11.69
C GLU A 88 38.02 -3.01 12.05
N ARG A 89 37.87 -3.87 13.06
CA ARG A 89 36.54 -4.31 13.48
C ARG A 89 35.82 -3.27 14.33
N PRO A 90 34.59 -2.93 13.95
CA PRO A 90 33.84 -1.95 14.73
C PRO A 90 33.63 -2.53 16.14
N ILE A 91 33.64 -1.67 17.17
CA ILE A 91 33.44 -2.17 18.54
C ILE A 91 32.24 -1.49 19.21
N LEU A 92 31.16 -2.24 19.42
CA LEU A 92 30.00 -1.67 20.10
C LEU A 92 29.79 -2.34 21.44
N LYS A 93 29.67 -1.53 22.49
CA LYS A 93 29.46 -2.05 23.83
C LYS A 93 27.98 -2.13 24.15
N GLY A 94 27.50 -3.37 24.28
CA GLY A 94 26.10 -3.60 24.56
C GLY A 94 25.77 -3.45 26.02
N VAL A 95 24.68 -2.74 26.29
CA VAL A 95 24.26 -2.50 27.66
C VAL A 95 22.85 -3.00 27.91
N ARG A 96 22.68 -3.77 28.99
CA ARG A 96 21.39 -4.31 29.39
C ARG A 96 21.21 -4.05 30.87
N ASP A 97 20.23 -3.20 31.20
CA ASP A 97 19.95 -2.82 32.59
C ASP A 97 21.14 -2.08 33.19
N ASN A 98 21.66 -1.10 32.44
CA ASN A 98 22.77 -0.27 32.87
C ASN A 98 24.07 -0.99 33.23
N VAL A 99 24.21 -2.25 32.80
CA VAL A 99 25.43 -3.01 33.07
C VAL A 99 26.12 -3.32 31.75
N ASP A 100 27.45 -3.48 31.80
CA ASP A 100 28.20 -3.84 30.60
C ASP A 100 28.06 -5.34 30.46
N TYR A 101 27.08 -5.74 29.67
CA TYR A 101 26.80 -7.15 29.46
C TYR A 101 27.66 -7.79 28.37
N TYR A 102 27.68 -7.20 27.19
CA TYR A 102 28.46 -7.71 26.08
C TYR A 102 29.36 -6.65 25.48
N VAL A 103 30.23 -7.09 24.58
CA VAL A 103 31.13 -6.21 23.83
C VAL A 103 31.13 -6.84 22.45
N TYR A 104 30.59 -6.12 21.47
CA TYR A 104 30.53 -6.65 20.11
C TYR A 104 31.66 -6.23 19.19
N ASN A 105 32.44 -7.21 18.77
CA ASN A 105 33.52 -6.96 17.86
C ASN A 105 32.96 -7.44 16.55
N CYS A 106 32.60 -6.50 15.67
CA CYS A 106 32.02 -6.84 14.38
C CYS A 106 32.99 -7.32 13.30
N LEU A 107 32.70 -8.49 12.74
CA LEU A 107 33.54 -9.05 11.69
C LEU A 107 33.05 -8.62 10.30
N VAL A 108 33.70 -9.16 9.28
CA VAL A 108 33.35 -8.83 7.91
C VAL A 108 31.89 -9.00 7.57
N ARG A 109 31.35 -8.03 6.82
CA ARG A 109 29.96 -8.04 6.37
C ARG A 109 29.99 -7.70 4.88
N THR A 110 28.93 -8.04 4.16
CA THR A 110 28.91 -7.76 2.73
C THR A 110 27.51 -7.49 2.23
N LYS A 111 27.39 -6.51 1.34
CA LYS A 111 26.09 -6.17 0.78
C LYS A 111 25.51 -7.29 -0.09
N ARG A 112 26.32 -8.30 -0.36
CA ARG A 112 25.86 -9.41 -1.17
C ARG A 112 25.13 -10.44 -0.33
N ALA A 113 25.22 -10.30 0.99
CA ALA A 113 24.54 -11.20 1.94
C ALA A 113 24.28 -10.37 3.19
N PRO A 114 23.41 -9.38 3.08
CA PRO A 114 23.04 -8.47 4.16
C PRO A 114 22.66 -9.12 5.48
N SER A 115 22.11 -10.31 5.40
CA SER A 115 21.67 -11.01 6.60
C SER A 115 22.84 -11.61 7.36
N LEU A 116 24.03 -11.58 6.77
CA LEU A 116 25.21 -12.14 7.41
C LEU A 116 25.84 -11.13 8.37
N VAL A 117 25.75 -11.39 9.66
CA VAL A 117 26.33 -10.50 10.66
C VAL A 117 27.15 -11.32 11.65
N PRO A 118 28.45 -11.51 11.37
CA PRO A 118 29.35 -12.28 12.24
C PRO A 118 29.98 -11.40 13.32
N LEU A 119 30.15 -11.97 14.51
CA LEU A 119 30.68 -11.22 15.64
C LEU A 119 31.55 -12.03 16.57
N VAL A 120 32.51 -11.36 17.22
CA VAL A 120 33.31 -12.02 18.25
C VAL A 120 32.70 -11.29 19.45
N VAL A 121 32.07 -12.05 20.35
CA VAL A 121 31.42 -11.44 21.50
C VAL A 121 32.13 -11.68 22.84
N ASP A 122 32.33 -10.59 23.57
CA ASP A 122 32.94 -10.67 24.90
C ASP A 122 31.79 -10.73 25.90
N VAL A 123 31.63 -11.89 26.54
CA VAL A 123 30.61 -12.12 27.54
C VAL A 123 31.25 -11.62 28.85
N LEU A 124 30.82 -10.43 29.26
CA LEU A 124 31.36 -9.77 30.44
C LEU A 124 30.93 -10.24 31.82
N THR A 125 29.64 -10.52 32.01
CA THR A 125 29.18 -10.95 33.33
C THR A 125 29.41 -12.44 33.54
N ASP A 126 29.44 -12.85 34.80
CA ASP A 126 29.66 -14.26 35.14
C ASP A 126 28.74 -14.71 36.27
N ASN A 127 27.53 -14.18 36.25
CA ASN A 127 26.52 -14.53 37.25
C ASN A 127 25.24 -14.93 36.49
N PRO A 128 25.04 -16.25 36.31
CA PRO A 128 23.87 -16.78 35.61
C PRO A 128 22.57 -16.18 36.14
N ASP A 129 22.53 -15.95 37.45
CA ASP A 129 21.36 -15.37 38.09
C ASP A 129 21.04 -13.98 37.55
N ASP A 130 22.06 -13.29 37.02
CA ASP A 130 21.87 -11.94 36.49
C ASP A 130 21.81 -11.95 34.95
N ALA A 131 21.59 -13.13 34.39
CA ALA A 131 21.51 -13.27 32.93
C ALA A 131 20.37 -12.39 32.40
N LYS A 132 20.58 -11.76 31.24
CA LYS A 132 19.58 -10.90 30.66
C LYS A 132 19.26 -11.30 29.22
N PHE A 133 17.99 -11.64 28.99
CA PHE A 133 17.53 -12.08 27.68
C PHE A 133 17.27 -10.97 26.69
N ASN A 134 17.16 -11.36 25.43
CA ASN A 134 16.80 -10.47 24.36
C ASN A 134 15.45 -11.09 24.02
N SER A 135 14.62 -10.41 23.24
CA SER A 135 13.32 -10.96 22.89
C SER A 135 13.41 -11.86 21.67
N GLY A 136 14.53 -12.55 21.50
CA GLY A 136 14.69 -13.38 20.32
C GLY A 136 14.83 -12.42 19.14
N HIS A 137 15.19 -12.92 17.96
CA HIS A 137 15.34 -12.03 16.80
C HIS A 137 15.23 -12.78 15.47
N ALA A 138 15.05 -12.02 14.39
CA ALA A 138 14.94 -12.61 13.07
C ALA A 138 16.28 -13.23 12.65
N GLY A 139 16.21 -14.28 11.83
CA GLY A 139 17.42 -14.93 11.37
C GLY A 139 18.01 -15.91 12.37
N ASN A 140 18.55 -17.01 11.85
CA ASN A 140 19.17 -18.02 12.70
C ASN A 140 20.54 -17.55 13.15
N GLU A 141 21.07 -18.23 14.17
CA GLU A 141 22.35 -17.84 14.69
C GLU A 141 23.21 -19.04 15.02
N PHE A 142 24.43 -19.03 14.51
CA PHE A 142 25.38 -20.10 14.79
C PHE A 142 26.34 -19.56 15.84
N LEU A 143 26.66 -20.38 16.85
CA LEU A 143 27.59 -19.95 17.89
C LEU A 143 28.69 -20.97 18.14
N PHE A 144 29.85 -20.44 18.49
CA PHE A 144 31.03 -21.24 18.79
C PHE A 144 31.66 -20.61 20.00
N VAL A 145 31.91 -21.42 21.03
CA VAL A 145 32.54 -20.90 22.27
C VAL A 145 34.03 -20.71 22.01
N LEU A 146 34.48 -19.47 21.89
CA LEU A 146 35.89 -19.19 21.65
C LEU A 146 36.77 -19.37 22.89
N GLU A 147 36.22 -19.03 24.06
CA GLU A 147 36.98 -19.14 25.31
C GLU A 147 36.16 -19.20 26.58
N GLY A 148 36.77 -19.82 27.59
CA GLY A 148 36.13 -19.96 28.87
C GLY A 148 34.93 -20.86 28.77
N GLU A 149 34.05 -20.76 29.77
CA GLU A 149 32.84 -21.57 29.79
C GLU A 149 31.68 -20.61 29.64
N ILE A 150 30.75 -20.95 28.77
CA ILE A 150 29.59 -20.10 28.57
C ILE A 150 28.41 -20.78 29.26
N HIS A 151 27.59 -19.99 29.95
CA HIS A 151 26.39 -20.52 30.59
C HIS A 151 25.28 -20.00 29.70
N MET A 152 24.62 -20.90 28.97
CA MET A 152 23.57 -20.50 28.05
C MET A 152 22.15 -20.66 28.57
N LYS A 153 21.31 -19.70 28.21
CA LYS A 153 19.90 -19.71 28.61
C LYS A 153 19.03 -19.37 27.41
N TRP A 154 18.01 -20.18 27.16
CA TRP A 154 17.12 -19.92 26.03
C TRP A 154 15.70 -20.33 26.33
N GLY A 155 14.75 -19.80 25.55
CA GLY A 155 13.36 -20.12 25.75
C GLY A 155 12.60 -19.05 26.52
N ASP A 156 11.88 -19.49 27.55
CA ASP A 156 11.09 -18.59 28.38
C ASP A 156 11.95 -17.97 29.48
N LYS A 157 12.07 -16.65 29.49
CA LYS A 157 12.89 -15.98 30.49
C LYS A 157 12.54 -16.36 31.93
N GLU A 158 11.26 -16.65 32.17
CA GLU A 158 10.78 -17.02 33.50
C GLU A 158 11.18 -18.44 33.91
N ASN A 159 11.05 -19.38 32.98
CA ASN A 159 11.42 -20.79 33.22
C ASN A 159 12.14 -21.26 31.94
N PRO A 160 13.44 -20.96 31.83
CA PRO A 160 14.22 -21.35 30.65
C PRO A 160 15.03 -22.63 30.76
N LYS A 161 15.50 -23.11 29.61
CA LYS A 161 16.34 -24.28 29.56
C LYS A 161 17.78 -23.75 29.66
N GLU A 162 18.69 -24.55 30.19
CA GLU A 162 20.06 -24.10 30.35
C GLU A 162 21.09 -25.11 29.88
N ALA A 163 22.31 -24.63 29.69
CA ALA A 163 23.41 -25.49 29.27
C ALA A 163 24.74 -24.81 29.56
N LEU A 164 25.67 -25.56 30.14
CA LEU A 164 27.00 -25.04 30.44
C LEU A 164 27.85 -25.55 29.30
N LEU A 165 28.35 -24.64 28.48
CA LEU A 165 29.13 -24.99 27.31
C LEU A 165 30.63 -24.74 27.44
N PRO A 166 31.43 -25.76 27.19
CA PRO A 166 32.88 -25.59 27.29
C PRO A 166 33.50 -25.01 26.03
N THR A 167 34.73 -24.53 26.16
CA THR A 167 35.44 -23.97 25.01
C THR A 167 35.44 -24.98 23.87
N GLY A 168 34.99 -24.54 22.70
CA GLY A 168 34.99 -25.42 21.54
C GLY A 168 33.62 -25.98 21.22
N ALA A 169 32.66 -25.74 22.10
CA ALA A 169 31.31 -26.22 21.87
C ALA A 169 30.68 -25.33 20.78
N SER A 170 29.67 -25.84 20.09
CA SER A 170 28.98 -25.08 19.04
C SER A 170 27.48 -25.25 19.20
N MET A 171 26.74 -24.16 19.01
CA MET A 171 25.28 -24.20 19.15
C MET A 171 24.60 -23.55 17.96
N PHE A 172 23.28 -23.72 17.90
CA PHE A 172 22.45 -23.13 16.87
C PHE A 172 21.18 -22.70 17.59
N VAL A 173 20.78 -21.45 17.39
CA VAL A 173 19.57 -20.93 18.01
C VAL A 173 18.68 -20.48 16.86
N GLU A 174 17.49 -21.07 16.77
CA GLU A 174 16.57 -20.71 15.70
C GLU A 174 16.07 -19.29 15.86
N GLU A 175 15.61 -18.71 14.75
CA GLU A 175 15.12 -17.35 14.79
C GLU A 175 13.91 -17.22 15.72
N HIS A 176 13.81 -16.06 16.37
CA HIS A 176 12.73 -15.74 17.30
C HIS A 176 12.89 -16.39 18.68
N VAL A 177 13.79 -17.36 18.80
CA VAL A 177 14.02 -17.99 20.09
C VAL A 177 14.83 -17.05 20.98
N PRO A 178 14.33 -16.75 22.19
CA PRO A 178 15.04 -15.84 23.10
C PRO A 178 16.24 -16.53 23.74
N HIS A 179 17.32 -15.78 23.94
CA HIS A 179 18.51 -16.36 24.55
C HIS A 179 19.31 -15.37 25.38
N ALA A 180 20.23 -15.91 26.18
CA ALA A 180 21.08 -15.09 27.04
C ALA A 180 22.34 -15.88 27.36
N PHE A 181 23.44 -15.17 27.54
CA PHE A 181 24.72 -15.80 27.84
C PHE A 181 25.45 -15.05 28.96
N THR A 182 26.29 -15.77 29.68
CA THR A 182 27.12 -15.19 30.74
C THR A 182 28.24 -16.19 30.85
N ALA A 183 29.34 -15.79 31.50
CA ALA A 183 30.44 -16.72 31.66
C ALA A 183 30.00 -17.70 32.75
N ALA A 184 30.59 -18.89 32.78
CA ALA A 184 30.24 -19.87 33.79
C ALA A 184 30.42 -19.18 35.14
N LYS A 185 29.53 -19.46 36.08
CA LYS A 185 29.55 -18.86 37.42
C LYS A 185 30.95 -18.66 38.00
N GLY A 186 31.29 -17.41 38.32
CA GLY A 186 32.58 -17.08 38.91
C GLY A 186 33.83 -17.08 38.04
N THR A 187 33.76 -17.63 36.82
CA THR A 187 34.92 -17.69 35.93
C THR A 187 35.32 -16.35 35.32
N GLY A 188 34.64 -15.27 35.73
CA GLY A 188 34.97 -13.95 35.23
C GLY A 188 34.39 -13.54 33.88
N SER A 189 34.92 -14.10 32.80
CA SER A 189 34.45 -13.77 31.46
C SER A 189 34.67 -14.90 30.47
N ALA A 190 34.00 -14.80 29.33
CA ALA A 190 34.12 -15.79 28.28
C ALA A 190 33.95 -15.12 26.92
N LYS A 191 34.36 -15.81 25.86
CA LYS A 191 34.25 -15.26 24.53
C LYS A 191 33.66 -16.27 23.55
N LEU A 192 32.73 -15.82 22.72
CA LEU A 192 32.16 -16.70 21.72
C LEU A 192 32.01 -15.99 20.39
N ILE A 193 32.05 -16.77 19.31
CA ILE A 193 31.86 -16.23 17.96
C ILE A 193 30.38 -16.42 17.66
N ALA A 194 29.73 -15.36 17.25
CA ALA A 194 28.32 -15.44 16.93
C ALA A 194 28.12 -15.09 15.48
N VAL A 195 27.48 -15.97 14.73
CA VAL A 195 27.25 -15.70 13.33
C VAL A 195 25.76 -15.70 12.98
N ASN A 196 25.23 -14.51 12.68
CA ASN A 196 23.81 -14.40 12.27
C ASN A 196 23.77 -14.50 10.76
N PHE A 197 22.91 -15.37 10.24
CA PHE A 197 22.82 -15.52 8.79
C PHE A 197 21.37 -15.60 8.38
N THR B 5 2.56 2.84 6.19
CA THR B 5 3.02 4.23 5.83
C THR B 5 4.54 4.26 5.67
N ALA B 6 5.02 4.77 4.54
CA ALA B 6 6.45 4.82 4.23
C ALA B 6 7.31 5.17 5.44
N SER B 7 6.94 6.27 6.10
CA SER B 7 7.66 6.75 7.28
C SER B 7 7.75 5.76 8.42
N THR B 8 6.62 5.18 8.80
CA THR B 8 6.57 4.23 9.90
C THR B 8 7.27 2.91 9.57
N GLY B 9 7.05 2.40 8.36
CA GLY B 9 7.68 1.17 7.96
C GLY B 9 9.17 1.36 8.00
N PHE B 10 9.62 2.52 7.51
CA PHE B 10 11.03 2.87 7.49
C PHE B 10 11.54 3.03 8.91
N ALA B 11 10.78 3.74 9.73
CA ALA B 11 11.17 3.97 11.10
C ALA B 11 11.39 2.67 11.85
N GLU B 12 10.50 1.70 11.64
CA GLU B 12 10.62 0.41 12.32
C GLU B 12 11.77 -0.46 11.77
N LEU B 13 11.86 -0.50 10.44
CA LEU B 13 12.87 -1.29 9.75
C LEU B 13 14.29 -0.75 9.94
N LEU B 14 14.41 0.58 10.02
CA LEU B 14 15.73 1.20 10.21
C LEU B 14 16.28 0.76 11.56
N LYS B 15 15.46 0.87 12.58
CA LYS B 15 15.84 0.48 13.94
C LYS B 15 16.22 -1.00 13.94
N ASP B 16 15.49 -1.82 13.17
CA ASP B 16 15.81 -3.25 13.11
C ASP B 16 17.22 -3.44 12.57
N ARG B 17 17.48 -2.93 11.37
CA ARG B 17 18.78 -3.10 10.74
C ARG B 17 19.90 -2.52 11.60
N ARG B 18 19.68 -1.33 12.16
CA ARG B 18 20.73 -0.71 12.98
C ARG B 18 21.16 -1.65 14.10
N GLU B 19 20.18 -2.16 14.84
CA GLU B 19 20.45 -3.08 15.94
C GLU B 19 21.10 -4.37 15.42
N GLN B 20 20.62 -4.84 14.27
CA GLN B 20 21.12 -6.06 13.66
C GLN B 20 22.65 -6.02 13.46
N VAL B 21 23.18 -4.85 13.09
CA VAL B 21 24.63 -4.71 12.88
C VAL B 21 25.31 -4.04 14.08
N LYS B 22 24.65 -4.17 15.23
CA LYS B 22 25.15 -3.65 16.49
C LYS B 22 25.65 -2.22 16.45
N MET B 23 24.76 -1.30 16.09
CA MET B 23 25.09 0.11 16.04
C MET B 23 24.08 0.87 16.90
N ASP B 24 24.51 1.93 17.58
CA ASP B 24 23.60 2.74 18.38
C ASP B 24 23.34 4.00 17.57
N HIS B 25 22.49 4.88 18.06
CA HIS B 25 22.21 6.11 17.31
C HIS B 25 23.52 6.83 17.02
N ALA B 26 24.39 6.88 18.00
CA ALA B 26 25.69 7.55 17.87
C ALA B 26 26.54 6.99 16.74
N ALA B 27 26.74 5.67 16.75
CA ALA B 27 27.55 4.99 15.75
C ALA B 27 27.04 5.19 14.32
N LEU B 28 25.72 5.05 14.15
CA LEU B 28 25.13 5.21 12.83
C LEU B 28 25.21 6.67 12.40
N ALA B 29 24.83 7.57 13.30
CA ALA B 29 24.88 8.99 12.99
C ALA B 29 26.28 9.38 12.47
N SER B 30 27.31 8.83 13.09
CA SER B 30 28.70 9.11 12.73
C SER B 30 29.12 8.69 11.33
N LEU B 31 28.66 7.53 10.89
CA LEU B 31 29.02 7.05 9.56
C LEU B 31 28.30 7.85 8.51
N LEU B 32 27.16 8.43 8.89
CA LEU B 32 26.35 9.18 7.93
C LEU B 32 26.61 10.68 7.92
N GLY B 33 27.31 11.17 8.93
CA GLY B 33 27.58 12.60 9.01
C GLY B 33 26.36 13.35 9.50
N GLU B 34 25.59 12.68 10.36
CA GLU B 34 24.37 13.27 10.93
C GLU B 34 24.54 13.28 12.45
N THR B 35 23.57 13.83 13.16
CA THR B 35 23.64 13.88 14.61
C THR B 35 22.80 12.76 15.17
N PRO B 36 23.07 12.32 16.40
CA PRO B 36 22.27 11.24 16.97
C PRO B 36 20.78 11.55 16.97
N GLU B 37 20.42 12.81 17.23
CA GLU B 37 19.00 13.21 17.25
C GLU B 37 18.33 12.88 15.92
N THR B 38 18.96 13.32 14.83
CA THR B 38 18.45 13.08 13.50
C THR B 38 18.07 11.61 13.33
N VAL B 39 19.03 10.71 13.52
CA VAL B 39 18.77 9.29 13.39
C VAL B 39 17.58 8.89 14.28
N ALA B 40 17.61 9.31 15.54
CA ALA B 40 16.52 8.98 16.46
C ALA B 40 15.17 9.44 15.92
N ALA B 41 15.17 10.62 15.30
CA ALA B 41 13.94 11.18 14.73
C ALA B 41 13.41 10.26 13.64
N TRP B 42 14.32 9.80 12.78
CA TRP B 42 13.95 8.90 11.69
C TRP B 42 13.26 7.67 12.26
N GLU B 43 13.87 7.06 13.27
CA GLU B 43 13.31 5.87 13.89
C GLU B 43 11.99 6.17 14.56
N ASN B 44 11.64 7.44 14.55
CA ASN B 44 10.38 7.88 15.15
C ASN B 44 9.39 8.38 14.10
N GLY B 45 9.50 7.86 12.87
CA GLY B 45 8.60 8.24 11.81
C GLY B 45 8.80 9.59 11.16
N GLU B 46 9.89 10.26 11.47
CA GLU B 46 10.14 11.58 10.89
C GLU B 46 11.07 11.56 9.67
N GLY B 47 11.22 10.39 9.05
CA GLY B 47 12.09 10.31 7.88
C GLY B 47 11.41 10.64 6.56
N GLY B 48 10.10 10.89 6.63
CA GLY B 48 9.31 11.19 5.45
C GLY B 48 9.91 12.00 4.32
N GLU B 49 10.69 13.04 4.64
CA GLU B 49 11.26 13.88 3.60
C GLU B 49 12.65 13.48 3.09
N LEU B 50 13.13 12.33 3.53
CA LEU B 50 14.44 11.86 3.10
C LEU B 50 14.40 11.60 1.60
N THR B 51 15.41 12.09 0.88
CA THR B 51 15.42 11.88 -0.56
C THR B 51 15.88 10.46 -0.93
N LEU B 52 15.59 10.06 -2.17
CA LEU B 52 15.98 8.73 -2.65
C LEU B 52 17.48 8.53 -2.51
N THR B 53 18.25 9.53 -2.92
CA THR B 53 19.71 9.42 -2.84
C THR B 53 20.16 9.28 -1.39
N GLN B 54 19.49 10.00 -0.50
CA GLN B 54 19.83 9.92 0.92
C GLN B 54 19.51 8.53 1.45
N LEU B 55 18.35 7.98 1.05
CA LEU B 55 17.96 6.64 1.48
C LEU B 55 19.03 5.70 0.94
N GLY B 56 19.53 6.01 -0.24
CA GLY B 56 20.57 5.19 -0.85
C GLY B 56 21.79 5.05 0.02
N ARG B 57 22.22 6.15 0.63
CA ARG B 57 23.39 6.15 1.51
C ARG B 57 23.15 5.42 2.82
N ILE B 58 22.02 5.71 3.45
CA ILE B 58 21.70 5.05 4.71
C ILE B 58 21.76 3.55 4.48
N ALA B 59 21.17 3.09 3.39
CA ALA B 59 21.18 1.67 3.06
C ALA B 59 22.61 1.17 2.88
N HIS B 60 23.44 2.01 2.25
CA HIS B 60 24.83 1.68 2.00
C HIS B 60 25.66 1.51 3.27
N VAL B 61 25.61 2.48 4.18
CA VAL B 61 26.40 2.38 5.40
C VAL B 61 25.89 1.19 6.23
N LEU B 62 24.64 0.82 6.03
CA LEU B 62 24.07 -0.31 6.76
C LEU B 62 24.23 -1.59 5.93
N GLY B 63 25.10 -1.52 4.93
CA GLY B 63 25.38 -2.66 4.07
C GLY B 63 24.19 -3.47 3.60
N THR B 64 23.14 -2.78 3.14
CA THR B 64 21.93 -3.46 2.68
C THR B 64 21.26 -2.62 1.60
N SER B 65 20.00 -2.93 1.29
CA SER B 65 19.26 -2.22 0.24
C SER B 65 18.15 -1.31 0.78
N ILE B 66 17.67 -0.40 -0.06
CA ILE B 66 16.60 0.51 0.35
C ILE B 66 15.38 -0.36 0.62
N GLY B 67 15.22 -1.38 -0.22
CA GLY B 67 14.11 -2.31 -0.09
C GLY B 67 14.04 -2.95 1.28
N ALA B 68 15.19 -3.39 1.79
CA ALA B 68 15.23 -4.01 3.11
C ALA B 68 14.85 -3.03 4.21
N LEU B 69 14.90 -1.74 3.90
CA LEU B 69 14.57 -0.71 4.87
C LEU B 69 13.17 -0.10 4.72
N THR B 70 12.51 -0.37 3.59
CA THR B 70 11.16 0.14 3.38
C THR B 70 10.15 -1.00 3.57
N PRO B 71 8.91 -0.67 3.99
CA PRO B 71 7.85 -1.67 4.21
C PRO B 71 7.30 -2.31 2.95
N PRO B 72 6.63 -3.45 3.11
CA PRO B 72 6.04 -4.16 1.98
C PRO B 72 4.91 -3.35 1.31
N ALA B 73 4.53 -3.77 0.11
CA ALA B 73 3.49 -3.08 -0.67
C ALA B 73 2.28 -2.63 0.13
N GLY B 74 1.88 -3.43 1.10
CA GLY B 74 0.73 -3.05 1.89
C GLY B 74 -0.43 -3.93 1.52
N ASN B 75 -1.49 -3.90 2.33
CA ASN B 75 -2.66 -4.73 2.06
C ASN B 75 -3.81 -3.91 1.51
N ASP B 76 -4.51 -4.46 0.51
CA ASP B 76 -5.64 -3.76 -0.10
C ASP B 76 -6.84 -4.68 -0.28
N LEU B 77 -6.82 -5.82 0.41
CA LEU B 77 -7.90 -6.80 0.31
C LEU B 77 -9.02 -6.58 1.31
N ASP B 78 -10.19 -7.13 1.00
CA ASP B 78 -11.38 -7.03 1.85
C ASP B 78 -11.67 -8.43 2.40
N ASP B 79 -11.00 -8.77 3.49
CA ASP B 79 -11.18 -10.07 4.12
C ASP B 79 -10.66 -11.20 3.26
N GLY B 80 -9.59 -10.91 2.51
CA GLY B 80 -8.99 -11.92 1.68
C GLY B 80 -9.17 -11.72 0.19
N VAL B 81 -10.20 -10.97 -0.21
CA VAL B 81 -10.42 -10.76 -1.63
C VAL B 81 -10.54 -9.31 -2.07
N ILE B 82 -10.42 -9.11 -3.39
CA ILE B 82 -10.53 -7.82 -4.03
C ILE B 82 -11.31 -8.10 -5.30
N ILE B 83 -12.26 -7.24 -5.65
CA ILE B 83 -13.09 -7.45 -6.83
C ILE B 83 -13.04 -6.26 -7.77
N GLN B 84 -13.19 -6.52 -9.06
CA GLN B 84 -13.19 -5.48 -10.08
C GLN B 84 -14.36 -5.70 -11.05
N MET B 85 -15.20 -4.68 -11.21
CA MET B 85 -16.33 -4.76 -12.12
C MET B 85 -15.82 -4.39 -13.50
N PRO B 86 -16.37 -5.02 -14.55
CA PRO B 86 -15.96 -4.78 -15.94
C PRO B 86 -15.88 -3.35 -16.43
N ASP B 87 -16.67 -2.46 -15.84
CA ASP B 87 -16.67 -1.07 -16.27
C ASP B 87 -15.60 -0.20 -15.62
N GLU B 88 -14.83 -0.76 -14.68
CA GLU B 88 -13.79 0.02 -14.01
C GLU B 88 -12.38 -0.39 -14.41
N ARG B 89 -12.27 -1.14 -15.50
CA ARG B 89 -10.97 -1.61 -15.98
C ARG B 89 -10.21 -0.52 -16.72
N PRO B 90 -8.95 -0.28 -16.32
CA PRO B 90 -8.16 0.73 -17.01
C PRO B 90 -7.99 0.28 -18.47
N ILE B 91 -7.95 1.22 -19.42
CA ILE B 91 -7.78 0.86 -20.82
C ILE B 91 -6.55 1.53 -21.44
N LEU B 92 -5.51 0.76 -21.73
CA LEU B 92 -4.33 1.34 -22.35
C LEU B 92 -4.16 0.79 -23.77
N LYS B 93 -4.01 1.69 -24.73
CA LYS B 93 -3.83 1.28 -26.12
C LYS B 93 -2.35 1.16 -26.45
N GLY B 94 -1.93 -0.07 -26.70
CA GLY B 94 -0.54 -0.35 -27.01
C GLY B 94 -0.21 -0.06 -28.46
N VAL B 95 0.91 0.62 -28.66
CA VAL B 95 1.34 0.96 -30.01
C VAL B 95 2.73 0.41 -30.31
N ARG B 96 2.85 -0.25 -31.46
CA ARG B 96 4.12 -0.81 -31.92
C ARG B 96 4.30 -0.40 -33.37
N ASP B 97 5.33 0.41 -33.62
CA ASP B 97 5.61 0.91 -34.96
C ASP B 97 4.46 1.77 -35.49
N ASN B 98 4.00 2.69 -34.65
CA ASN B 98 2.92 3.61 -34.99
C ASN B 98 1.58 3.00 -35.41
N VAL B 99 1.38 1.71 -35.10
CA VAL B 99 0.13 1.04 -35.43
C VAL B 99 -0.58 0.63 -34.14
N ASP B 100 -1.89 0.54 -34.20
CA ASP B 100 -2.67 0.11 -33.04
C ASP B 100 -2.60 -1.40 -33.04
N TYR B 101 -1.64 -1.92 -32.29
CA TYR B 101 -1.43 -3.37 -32.22
C TYR B 101 -2.32 -4.07 -31.20
N TYR B 102 -2.31 -3.58 -29.98
CA TYR B 102 -3.10 -4.17 -28.90
C TYR B 102 -3.94 -3.12 -28.19
N VAL B 103 -4.84 -3.60 -27.34
CA VAL B 103 -5.69 -2.76 -26.50
C VAL B 103 -5.72 -3.51 -25.18
N TYR B 104 -5.14 -2.92 -24.15
CA TYR B 104 -5.10 -3.58 -22.85
C TYR B 104 -6.20 -3.20 -21.89
N ASN B 105 -7.03 -4.18 -21.56
CA ASN B 105 -8.10 -3.96 -20.60
C ASN B 105 -7.55 -4.61 -19.34
N CYS B 106 -7.16 -3.78 -18.40
CA CYS B 106 -6.58 -4.27 -17.15
C CYS B 106 -7.56 -4.79 -16.11
N LEU B 107 -7.34 -6.02 -15.66
CA LEU B 107 -8.19 -6.63 -14.67
C LEU B 107 -7.69 -6.37 -13.24
N VAL B 108 -8.35 -6.99 -12.28
CA VAL B 108 -7.99 -6.80 -10.88
C VAL B 108 -6.53 -7.06 -10.57
N ARG B 109 -5.94 -6.20 -9.74
CA ARG B 109 -4.56 -6.33 -9.31
C ARG B 109 -4.57 -6.14 -7.79
N THR B 110 -3.53 -6.60 -7.12
CA THR B 110 -3.48 -6.46 -5.66
C THR B 110 -2.07 -6.30 -5.14
N LYS B 111 -1.90 -5.42 -4.16
CA LYS B 111 -0.58 -5.19 -3.59
C LYS B 111 -0.05 -6.41 -2.85
N ARG B 112 -0.91 -7.41 -2.65
CA ARG B 112 -0.51 -8.61 -1.96
C ARG B 112 0.17 -9.59 -2.90
N ALA B 113 0.08 -9.33 -4.20
CA ALA B 113 0.71 -10.16 -5.24
C ALA B 113 1.01 -9.22 -6.42
N PRO B 114 1.94 -8.29 -6.20
CA PRO B 114 2.34 -7.31 -7.20
C PRO B 114 2.69 -7.84 -8.57
N SER B 115 3.18 -9.06 -8.61
CA SER B 115 3.57 -9.65 -9.88
C SER B 115 2.39 -10.13 -10.69
N LEU B 116 1.20 -10.10 -10.08
CA LEU B 116 -0.01 -10.54 -10.78
C LEU B 116 -0.61 -9.40 -11.62
N VAL B 117 -0.52 -9.55 -12.94
CA VAL B 117 -1.07 -8.54 -13.84
C VAL B 117 -1.92 -9.22 -14.90
N PRO B 118 -3.23 -9.37 -14.62
CA PRO B 118 -4.18 -10.00 -15.56
C PRO B 118 -4.76 -8.98 -16.54
N LEU B 119 -4.95 -9.42 -17.78
CA LEU B 119 -5.46 -8.55 -18.83
C LEU B 119 -6.37 -9.23 -19.83
N VAL B 120 -7.30 -8.45 -20.40
CA VAL B 120 -8.13 -8.97 -21.49
C VAL B 120 -7.49 -8.17 -22.61
N VAL B 121 -6.91 -8.85 -23.58
CA VAL B 121 -6.22 -8.17 -24.68
C VAL B 121 -6.94 -8.24 -26.02
N ASP B 122 -7.09 -7.08 -26.65
CA ASP B 122 -7.72 -7.01 -27.97
C ASP B 122 -6.58 -7.02 -28.98
N VAL B 123 -6.48 -8.13 -29.72
CA VAL B 123 -5.47 -8.30 -30.76
C VAL B 123 -6.09 -7.65 -32.01
N LEU B 124 -5.61 -6.45 -32.31
CA LEU B 124 -6.11 -5.64 -33.42
C LEU B 124 -5.72 -6.01 -34.84
N THR B 125 -4.44 -6.33 -35.07
CA THR B 125 -4.01 -6.66 -36.42
C THR B 125 -4.30 -8.10 -36.77
N ASP B 126 -4.36 -8.39 -38.07
CA ASP B 126 -4.64 -9.74 -38.54
C ASP B 126 -3.75 -10.12 -39.72
N ASN B 127 -2.51 -9.66 -39.66
CA ASN B 127 -1.53 -9.96 -40.69
C ASN B 127 -0.28 -10.50 -39.98
N PRO B 128 -0.14 -11.84 -39.94
CA PRO B 128 1.01 -12.49 -39.30
C PRO B 128 2.33 -11.90 -39.77
N ASP B 129 2.38 -11.54 -41.06
CA ASP B 129 3.58 -10.96 -41.65
C ASP B 129 3.96 -9.65 -40.98
N ASP B 130 2.98 -8.97 -40.38
CA ASP B 130 3.24 -7.70 -39.71
C ASP B 130 3.31 -7.85 -38.19
N ALA B 131 3.47 -9.08 -37.73
CA ALA B 131 3.55 -9.36 -36.31
C ALA B 131 4.73 -8.59 -35.71
N LYS B 132 4.56 -8.08 -34.50
CA LYS B 132 5.61 -7.33 -33.83
C LYS B 132 5.91 -7.88 -32.46
N PHE B 133 7.16 -8.30 -32.26
CA PHE B 133 7.60 -8.87 -31.00
C PHE B 133 7.92 -7.88 -29.91
N ASN B 134 8.01 -8.41 -28.70
CA ASN B 134 8.42 -7.64 -27.54
C ASN B 134 9.74 -8.36 -27.28
N SER B 135 10.59 -7.79 -26.43
CA SER B 135 11.87 -8.43 -26.15
C SER B 135 11.74 -9.44 -25.02
N GLY B 136 10.58 -10.08 -24.91
CA GLY B 136 10.38 -11.01 -23.82
C GLY B 136 10.30 -10.17 -22.54
N HIS B 137 9.92 -10.76 -21.42
CA HIS B 137 9.83 -9.99 -20.19
C HIS B 137 9.89 -10.86 -18.94
N ALA B 138 10.11 -10.22 -17.79
CA ALA B 138 10.20 -10.95 -16.53
C ALA B 138 8.84 -11.53 -16.16
N GLY B 139 8.85 -12.66 -15.45
CA GLY B 139 7.62 -13.29 -15.04
C GLY B 139 6.98 -14.15 -16.13
N ASN B 140 6.38 -15.27 -15.71
CA ASN B 140 5.71 -16.16 -16.65
C ASN B 140 4.38 -15.59 -17.04
N GLU B 141 3.81 -16.12 -18.10
CA GLU B 141 2.53 -15.62 -18.59
C GLU B 141 1.62 -16.74 -19.04
N PHE B 142 0.41 -16.74 -18.51
CA PHE B 142 -0.60 -17.72 -18.89
C PHE B 142 -1.53 -17.04 -19.86
N LEU B 143 -1.90 -17.73 -20.93
CA LEU B 143 -2.80 -17.16 -21.92
C LEU B 143 -3.95 -18.10 -22.28
N PHE B 144 -5.09 -17.48 -22.55
CA PHE B 144 -6.30 -18.19 -22.92
C PHE B 144 -6.92 -17.42 -24.07
N VAL B 145 -7.21 -18.10 -25.17
CA VAL B 145 -7.81 -17.45 -26.33
C VAL B 145 -9.30 -17.22 -26.05
N LEU B 146 -9.69 -15.97 -25.82
CA LEU B 146 -11.09 -15.65 -25.54
C LEU B 146 -11.96 -15.66 -26.78
N GLU B 147 -11.41 -15.24 -27.91
CA GLU B 147 -12.17 -15.20 -29.16
C GLU B 147 -11.36 -15.17 -30.43
N GLY B 148 -12.01 -15.66 -31.49
CA GLY B 148 -11.37 -15.69 -32.79
C GLY B 148 -10.22 -16.66 -32.80
N GLU B 149 -9.33 -16.51 -33.77
CA GLU B 149 -8.16 -17.36 -33.87
C GLU B 149 -6.96 -16.49 -33.66
N ILE B 150 -6.05 -16.95 -32.83
CA ILE B 150 -4.85 -16.18 -32.57
C ILE B 150 -3.70 -16.85 -33.30
N HIS B 151 -2.85 -16.05 -33.94
CA HIS B 151 -1.69 -16.57 -34.63
C HIS B 151 -0.54 -16.19 -33.69
N MET B 152 0.09 -17.18 -33.08
CA MET B 152 1.16 -16.93 -32.12
C MET B 152 2.56 -17.10 -32.67
N LYS B 153 3.45 -16.22 -32.23
CA LYS B 153 4.85 -16.27 -32.64
C LYS B 153 5.74 -16.09 -31.42
N TRP B 154 6.73 -16.96 -31.25
CA TRP B 154 7.62 -16.85 -30.11
C TRP B 154 9.04 -17.31 -30.46
N GLY B 155 10.00 -16.89 -29.64
CA GLY B 155 11.38 -17.27 -29.88
C GLY B 155 12.19 -16.17 -30.56
N ASP B 156 12.89 -16.54 -31.62
CA ASP B 156 13.71 -15.59 -32.37
C ASP B 156 12.88 -14.84 -33.41
N LYS B 157 12.83 -13.51 -33.28
CA LYS B 157 12.02 -12.71 -34.21
C LYS B 157 12.36 -12.97 -35.68
N GLU B 158 13.63 -13.30 -35.96
CA GLU B 158 14.07 -13.56 -37.33
C GLU B 158 13.60 -14.92 -37.87
N ASN B 159 13.68 -15.95 -37.04
CA ASN B 159 13.25 -17.30 -37.40
C ASN B 159 12.52 -17.86 -36.18
N PRO B 160 11.23 -17.51 -36.01
CA PRO B 160 10.45 -17.98 -34.87
C PRO B 160 9.56 -19.20 -35.10
N LYS B 161 9.09 -19.76 -34.00
CA LYS B 161 8.18 -20.89 -34.06
C LYS B 161 6.78 -20.27 -34.09
N GLU B 162 5.82 -20.98 -34.67
CA GLU B 162 4.47 -20.45 -34.79
C GLU B 162 3.40 -21.45 -34.41
N ALA B 163 2.20 -20.94 -34.17
CA ALA B 163 1.06 -21.77 -33.82
C ALA B 163 -0.23 -21.00 -34.04
N LEU B 164 -1.20 -21.65 -34.68
CA LEU B 164 -2.50 -21.04 -34.92
C LEU B 164 -3.37 -21.63 -33.82
N LEU B 165 -3.83 -20.76 -32.92
CA LEU B 165 -4.63 -21.18 -31.77
C LEU B 165 -6.10 -20.86 -31.88
N PRO B 166 -6.96 -21.86 -31.71
CA PRO B 166 -8.39 -21.61 -31.79
C PRO B 166 -8.99 -21.13 -30.46
N THR B 167 -10.18 -20.59 -30.53
CA THR B 167 -10.86 -20.11 -29.35
C THR B 167 -10.92 -21.22 -28.30
N GLY B 168 -10.45 -20.91 -27.10
CA GLY B 168 -10.47 -21.90 -26.03
C GLY B 168 -9.13 -22.55 -25.77
N ALA B 169 -8.16 -22.27 -26.63
CA ALA B 169 -6.84 -22.82 -26.45
C ALA B 169 -6.16 -22.08 -25.30
N SER B 170 -5.17 -22.71 -24.66
CA SER B 170 -4.45 -22.08 -23.56
C SER B 170 -2.96 -22.31 -23.75
N MET B 171 -2.16 -21.28 -23.46
CA MET B 171 -0.71 -21.38 -23.60
C MET B 171 0.02 -20.88 -22.37
N PHE B 172 1.31 -21.13 -22.33
CA PHE B 172 2.18 -20.68 -21.25
C PHE B 172 3.46 -20.24 -21.94
N VAL B 173 3.93 -19.05 -21.64
CA VAL B 173 5.16 -18.52 -22.21
C VAL B 173 6.07 -18.23 -21.04
N GLU B 174 7.23 -18.88 -21.00
CA GLU B 174 8.17 -18.66 -19.91
C GLU B 174 8.74 -17.26 -19.93
N GLU B 175 9.23 -16.81 -18.79
CA GLU B 175 9.78 -15.47 -18.70
C GLU B 175 10.99 -15.32 -19.61
N HIS B 176 11.15 -14.12 -20.15
CA HIS B 176 12.25 -13.77 -21.05
C HIS B 176 12.05 -14.27 -22.49
N VAL B 177 11.10 -15.16 -22.70
CA VAL B 177 10.83 -15.67 -24.04
C VAL B 177 10.07 -14.60 -24.83
N PRO B 178 10.58 -14.21 -26.00
CA PRO B 178 9.91 -13.20 -26.83
C PRO B 178 8.68 -13.75 -27.51
N HIS B 179 7.64 -12.93 -27.64
CA HIS B 179 6.42 -13.39 -28.29
C HIS B 179 5.66 -12.29 -29.02
N ALA B 180 4.71 -12.70 -29.85
CA ALA B 180 3.91 -11.78 -30.62
C ALA B 180 2.61 -12.46 -31.00
N PHE B 181 1.55 -11.67 -31.12
CA PHE B 181 0.23 -12.20 -31.47
C PHE B 181 -0.47 -11.33 -32.49
N THR B 182 -1.34 -11.93 -33.27
CA THR B 182 -2.14 -11.22 -34.26
C THR B 182 -3.32 -12.15 -34.47
N ALA B 183 -4.38 -11.65 -35.06
CA ALA B 183 -5.53 -12.50 -35.31
C ALA B 183 -5.15 -13.38 -36.48
N ALA B 184 -5.80 -14.53 -36.63
CA ALA B 184 -5.49 -15.42 -37.73
C ALA B 184 -5.65 -14.60 -39.01
N LYS B 185 -4.77 -14.82 -39.97
CA LYS B 185 -4.77 -14.10 -41.25
C LYS B 185 -6.16 -13.78 -41.80
N GLY B 186 -6.44 -12.49 -41.99
CA GLY B 186 -7.71 -12.05 -42.54
C GLY B 186 -8.96 -12.07 -41.66
N THR B 187 -8.91 -12.74 -40.51
CA THR B 187 -10.07 -12.83 -39.62
C THR B 187 -10.41 -11.53 -38.87
N GLY B 188 -9.69 -10.46 -39.18
CA GLY B 188 -9.95 -9.17 -38.55
C GLY B 188 -9.34 -8.92 -37.18
N SER B 189 -9.89 -9.56 -36.15
CA SER B 189 -9.39 -9.37 -34.79
C SER B 189 -9.68 -10.58 -33.91
N ALA B 190 -8.99 -10.63 -32.76
CA ALA B 190 -9.16 -11.72 -31.81
C ALA B 190 -8.94 -11.19 -30.41
N LYS B 191 -9.40 -11.96 -29.42
CA LYS B 191 -9.25 -11.55 -28.03
C LYS B 191 -8.71 -12.67 -27.16
N LEU B 192 -7.76 -12.34 -26.31
CA LEU B 192 -7.23 -13.35 -25.40
C LEU B 192 -7.04 -12.78 -23.99
N ILE B 193 -7.11 -13.65 -23.00
CA ILE B 193 -6.90 -13.25 -21.61
C ILE B 193 -5.43 -13.54 -21.35
N ALA B 194 -4.71 -12.56 -20.84
CA ALA B 194 -3.30 -12.75 -20.54
C ALA B 194 -3.08 -12.54 -19.06
N VAL B 195 -2.49 -13.52 -18.42
CA VAL B 195 -2.24 -13.40 -16.98
C VAL B 195 -0.76 -13.49 -16.65
N ASN B 196 -0.16 -12.38 -16.24
CA ASN B 196 1.25 -12.37 -15.84
C ASN B 196 1.29 -12.63 -14.34
N PHE B 197 2.11 -13.57 -13.91
CA PHE B 197 2.20 -13.88 -12.49
C PHE B 197 3.64 -14.08 -12.09
N THR C 3 -14.47 8.90 18.94
CA THR C 3 -15.40 7.84 18.45
C THR C 3 -15.98 6.95 19.57
N LYS C 4 -16.89 6.06 19.17
CA LYS C 4 -17.56 5.10 20.05
C LYS C 4 -18.08 4.00 19.10
N THR C 5 -18.24 2.77 19.59
CA THR C 5 -18.78 1.69 18.76
C THR C 5 -20.31 1.72 18.85
N ALA C 6 -20.98 0.85 18.11
CA ALA C 6 -22.44 0.83 18.18
C ALA C 6 -22.95 0.40 19.55
N SER C 7 -22.45 -0.74 20.02
CA SER C 7 -22.84 -1.30 21.31
C SER C 7 -22.61 -0.38 22.50
N THR C 8 -21.40 0.17 22.60
CA THR C 8 -21.04 1.05 23.71
C THR C 8 -21.77 2.38 23.66
N GLY C 9 -21.86 2.96 22.47
CA GLY C 9 -22.56 4.23 22.34
C GLY C 9 -23.99 4.04 22.76
N PHE C 10 -24.57 2.93 22.33
CA PHE C 10 -25.95 2.58 22.67
C PHE C 10 -26.06 2.31 24.17
N ALA C 11 -25.13 1.53 24.69
CA ALA C 11 -25.13 1.22 26.11
C ALA C 11 -25.12 2.48 26.97
N GLU C 12 -24.31 3.46 26.59
CA GLU C 12 -24.21 4.71 27.36
C GLU C 12 -25.43 5.60 27.19
N LEU C 13 -25.88 5.74 25.94
CA LEU C 13 -27.02 6.55 25.60
C LEU C 13 -28.35 6.01 26.11
N LEU C 14 -28.50 4.69 26.13
CA LEU C 14 -29.72 4.08 26.63
C LEU C 14 -29.88 4.43 28.11
N LYS C 15 -28.80 4.23 28.88
CA LYS C 15 -28.81 4.54 30.30
C LYS C 15 -29.14 6.01 30.50
N ASP C 16 -28.65 6.88 29.62
CA ASP C 16 -28.92 8.31 29.74
C ASP C 16 -30.42 8.55 29.61
N ARG C 17 -31.00 8.13 28.50
CA ARG C 17 -32.42 8.34 28.25
C ARG C 17 -33.28 7.70 29.34
N ARG C 18 -32.96 6.47 29.74
CA ARG C 18 -33.75 5.81 30.76
C ARG C 18 -33.84 6.67 32.02
N GLU C 19 -32.69 7.14 32.50
CA GLU C 19 -32.65 7.98 33.69
C GLU C 19 -33.37 9.30 33.45
N GLN C 20 -33.21 9.84 32.25
CA GLN C 20 -33.83 11.10 31.88
C GLN C 20 -35.35 11.08 32.08
N VAL C 21 -35.99 9.94 31.81
CA VAL C 21 -37.44 9.81 31.97
C VAL C 21 -37.80 9.06 33.26
N LYS C 22 -36.86 9.12 34.21
CA LYS C 22 -37.00 8.52 35.53
C LYS C 22 -37.52 7.10 35.53
N MET C 23 -36.79 6.20 34.89
CA MET C 23 -37.15 4.80 34.83
C MET C 23 -35.95 3.99 35.34
N ASP C 24 -36.22 2.89 36.04
CA ASP C 24 -35.14 2.02 36.52
C ASP C 24 -35.13 0.81 35.57
N HIS C 25 -34.20 -0.12 35.76
CA HIS C 25 -34.17 -1.29 34.91
C HIS C 25 -35.52 -1.98 34.90
N ALA C 26 -36.11 -2.09 36.10
CA ALA C 26 -37.41 -2.75 36.27
C ALA C 26 -38.51 -2.11 35.45
N ALA C 27 -38.67 -0.79 35.60
CA ALA C 27 -39.70 -0.04 34.90
C ALA C 27 -39.59 -0.14 33.37
N LEU C 28 -38.37 0.01 32.86
CA LEU C 28 -38.15 -0.08 31.43
C LEU C 28 -38.38 -1.49 30.95
N ALA C 29 -37.79 -2.46 31.66
CA ALA C 29 -37.97 -3.86 31.29
C ALA C 29 -39.45 -4.20 31.12
N SER C 30 -40.27 -3.69 32.04
CA SER C 30 -41.71 -3.92 32.04
C SER C 30 -42.49 -3.42 30.84
N LEU C 31 -42.12 -2.23 30.36
CA LEU C 31 -42.80 -1.67 29.21
C LEU C 31 -42.40 -2.40 27.95
N LEU C 32 -41.23 -3.01 27.97
CA LEU C 32 -40.73 -3.71 26.79
C LEU C 32 -41.01 -5.18 26.76
N GLY C 33 -41.42 -5.74 27.88
CA GLY C 33 -41.70 -7.17 27.94
C GLY C 33 -40.41 -7.96 28.04
N GLU C 34 -39.42 -7.36 28.69
CA GLU C 34 -38.11 -7.97 28.88
C GLU C 34 -37.86 -8.09 30.38
N THR C 35 -36.75 -8.70 30.77
CA THR C 35 -36.43 -8.85 32.19
C THR C 35 -35.44 -7.77 32.57
N PRO C 36 -35.37 -7.41 33.86
CA PRO C 36 -34.43 -6.38 34.26
C PRO C 36 -32.99 -6.69 33.84
N GLU C 37 -32.61 -7.96 33.90
CA GLU C 37 -31.24 -8.37 33.52
C GLU C 37 -30.95 -7.95 32.09
N THR C 38 -31.84 -8.32 31.19
CA THR C 38 -31.71 -8.00 29.77
C THR C 38 -31.35 -6.51 29.61
N VAL C 39 -32.21 -5.63 30.11
CA VAL C 39 -31.96 -4.21 30.01
C VAL C 39 -30.58 -3.87 30.56
N ALA C 40 -30.27 -4.37 31.76
CA ALA C 40 -28.97 -4.11 32.38
C ALA C 40 -27.83 -4.54 31.46
N ALA C 41 -28.01 -5.68 30.79
CA ALA C 41 -26.99 -6.20 29.87
C ALA C 41 -26.75 -5.21 28.76
N TRP C 42 -27.84 -4.70 28.19
CA TRP C 42 -27.76 -3.72 27.11
C TRP C 42 -26.91 -2.54 27.55
N GLU C 43 -27.23 -1.98 28.71
CA GLU C 43 -26.50 -0.83 29.23
C GLU C 43 -25.05 -1.19 29.50
N ASN C 44 -24.74 -2.47 29.33
CA ASN C 44 -23.40 -2.94 29.55
C ASN C 44 -22.73 -3.38 28.24
N GLY C 45 -23.16 -2.78 27.13
CA GLY C 45 -22.57 -3.08 25.84
C GLY C 45 -22.96 -4.39 25.18
N GLU C 46 -23.95 -5.08 25.72
CA GLU C 46 -24.36 -6.36 25.15
C GLU C 46 -25.58 -6.25 24.22
N GLY C 47 -25.87 -5.05 23.72
CA GLY C 47 -27.02 -4.89 22.85
C GLY C 47 -26.72 -5.11 21.39
N GLY C 48 -25.45 -5.38 21.08
CA GLY C 48 -25.01 -5.60 19.72
C GLY C 48 -25.91 -6.34 18.74
N GLU C 49 -26.58 -7.39 19.19
CA GLU C 49 -27.44 -8.16 18.28
C GLU C 49 -28.90 -7.71 18.20
N LEU C 50 -29.23 -6.60 18.84
CA LEU C 50 -30.60 -6.09 18.79
C LEU C 50 -30.95 -5.73 17.36
N THR C 51 -32.11 -6.16 16.89
CA THR C 51 -32.51 -5.85 15.52
C THR C 51 -33.03 -4.42 15.38
N LEU C 52 -33.07 -3.93 14.14
CA LEU C 52 -33.54 -2.58 13.87
C LEU C 52 -34.96 -2.37 14.42
N THR C 53 -35.84 -3.33 14.17
CA THR C 53 -37.21 -3.24 14.64
C THR C 53 -37.25 -3.20 16.15
N GLN C 54 -36.38 -3.97 16.80
CA GLN C 54 -36.33 -3.98 18.25
C GLN C 54 -35.85 -2.63 18.77
N LEU C 55 -34.83 -2.07 18.11
CA LEU C 55 -34.30 -0.77 18.50
C LEU C 55 -35.44 0.22 18.33
N GLY C 56 -36.26 0.00 17.31
CA GLY C 56 -37.41 0.86 17.04
C GLY C 56 -38.36 0.94 18.23
N ARG C 57 -38.64 -0.20 18.85
CA ARG C 57 -39.52 -0.26 20.01
C ARG C 57 -38.92 0.37 21.25
N ILE C 58 -37.66 0.05 21.55
CA ILE C 58 -37.01 0.61 22.71
C ILE C 58 -37.10 2.13 22.60
N ALA C 59 -36.82 2.65 21.41
CA ALA C 59 -36.89 4.09 21.19
C ALA C 59 -38.30 4.62 21.43
N HIS C 60 -39.28 3.84 21.00
CA HIS C 60 -40.68 4.18 21.15
C HIS C 60 -41.15 4.27 22.60
N VAL C 61 -40.87 3.24 23.40
CA VAL C 61 -41.30 3.26 24.81
C VAL C 61 -40.57 4.38 25.54
N LEU C 62 -39.39 4.76 25.04
CA LEU C 62 -38.64 5.83 25.66
C LEU C 62 -38.98 7.17 25.00
N GLY C 63 -40.09 7.19 24.26
CA GLY C 63 -40.56 8.37 23.56
C GLY C 63 -39.52 9.22 22.85
N THR C 64 -38.65 8.56 22.08
CA THR C 64 -37.60 9.25 21.36
C THR C 64 -37.25 8.48 20.09
N SER C 65 -36.11 8.81 19.46
CA SER C 65 -35.70 8.15 18.22
C SER C 65 -34.50 7.22 18.39
N ILE C 66 -34.29 6.36 17.39
CA ILE C 66 -33.16 5.43 17.46
C ILE C 66 -31.89 6.27 17.43
N GLY C 67 -31.94 7.35 16.64
CA GLY C 67 -30.81 8.27 16.53
C GLY C 67 -30.37 8.80 17.88
N ALA C 68 -31.33 9.21 18.71
CA ALA C 68 -31.02 9.74 20.03
C ALA C 68 -30.38 8.69 20.91
N LEU C 69 -30.53 7.43 20.55
CA LEU C 69 -29.97 6.33 21.33
C LEU C 69 -28.68 5.72 20.77
N THR C 70 -28.33 6.07 19.53
CA THR C 70 -27.10 5.57 18.93
C THR C 70 -26.05 6.69 18.90
N PRO C 71 -24.76 6.32 18.95
CA PRO C 71 -23.67 7.31 18.95
C PRO C 71 -23.45 8.04 17.64
N PRO C 72 -22.73 9.17 17.68
CA PRO C 72 -22.45 9.95 16.48
C PRO C 72 -21.56 9.17 15.50
N ALA C 73 -21.50 9.66 14.26
CA ALA C 73 -20.73 9.02 13.19
C ALA C 73 -19.36 8.52 13.61
N GLY C 74 -18.69 9.25 14.48
CA GLY C 74 -17.38 8.82 14.91
C GLY C 74 -16.34 9.71 14.30
N ASN C 75 -15.10 9.62 14.78
CA ASN C 75 -14.03 10.46 14.28
C ASN C 75 -13.08 9.68 13.40
N ASP C 76 -12.65 10.30 12.29
CA ASP C 76 -11.75 9.64 11.36
C ASP C 76 -10.62 10.57 10.92
N LEU C 77 -10.43 11.65 11.65
CA LEU C 77 -9.41 12.63 11.33
C LEU C 77 -8.05 12.34 11.99
N ASP C 78 -7.00 12.91 11.41
CA ASP C 78 -5.64 12.75 11.92
C ASP C 78 -5.18 14.09 12.45
N ASP C 79 -5.53 14.36 13.70
CA ASP C 79 -5.16 15.62 14.33
C ASP C 79 -5.87 16.81 13.73
N GLY C 80 -7.09 16.57 13.28
CA GLY C 80 -7.89 17.64 12.70
C GLY C 80 -8.10 17.54 11.20
N VAL C 81 -7.24 16.82 10.49
CA VAL C 81 -7.42 16.70 9.06
C VAL C 81 -7.45 15.28 8.51
N ILE C 82 -7.92 15.18 7.26
CA ILE C 82 -8.00 13.93 6.54
C ILE C 82 -7.57 14.29 5.12
N ILE C 83 -6.77 13.44 4.49
CA ILE C 83 -6.27 13.73 3.14
C ILE C 83 -6.60 12.60 2.17
N GLN C 84 -6.79 12.96 0.89
CA GLN C 84 -7.09 11.99 -0.15
C GLN C 84 -6.22 12.27 -1.37
N MET C 85 -5.46 11.27 -1.81
CA MET C 85 -4.62 11.41 -2.99
C MET C 85 -5.49 11.13 -4.21
N PRO C 86 -5.23 11.82 -5.32
CA PRO C 86 -5.99 11.68 -6.57
C PRO C 86 -6.23 10.28 -7.11
N ASP C 87 -5.34 9.35 -6.80
CA ASP C 87 -5.49 8.00 -7.30
C ASP C 87 -6.36 7.09 -6.43
N GLU C 88 -6.84 7.59 -5.31
CA GLU C 88 -7.69 6.77 -4.44
C GLU C 88 -9.14 7.21 -4.41
N ARG C 89 -9.51 8.05 -5.38
CA ARG C 89 -10.88 8.54 -5.46
C ARG C 89 -11.84 7.50 -6.05
N PRO C 90 -12.95 7.24 -5.35
CA PRO C 90 -13.92 6.28 -5.87
C PRO C 90 -14.45 6.83 -7.20
N ILE C 91 -14.76 5.96 -8.15
CA ILE C 91 -15.29 6.41 -9.45
C ILE C 91 -16.66 5.79 -9.75
N LEU C 92 -17.72 6.58 -9.70
CA LEU C 92 -19.04 6.05 -10.02
C LEU C 92 -19.58 6.70 -11.29
N LYS C 93 -20.01 5.87 -12.24
CA LYS C 93 -20.53 6.36 -13.49
C LYS C 93 -22.03 6.51 -13.39
N GLY C 94 -22.48 7.77 -13.44
CA GLY C 94 -23.90 8.06 -13.37
C GLY C 94 -24.62 7.89 -14.69
N VAL C 95 -25.76 7.21 -14.63
CA VAL C 95 -26.54 6.96 -15.84
C VAL C 95 -27.94 7.53 -15.73
N ARG C 96 -28.35 8.27 -16.77
CA ARG C 96 -29.69 8.87 -16.83
C ARG C 96 -30.26 8.56 -18.20
N ASP C 97 -31.32 7.76 -18.23
CA ASP C 97 -31.97 7.37 -19.47
C ASP C 97 -31.03 6.54 -20.34
N ASN C 98 -30.37 5.57 -19.71
CA ASN C 98 -29.44 4.66 -20.38
C ASN C 98 -28.25 5.30 -21.09
N VAL C 99 -27.95 6.55 -20.77
CA VAL C 99 -26.82 7.24 -21.39
C VAL C 99 -25.79 7.55 -20.30
N ASP C 100 -24.52 7.65 -20.71
CA ASP C 100 -23.47 8.00 -19.77
C ASP C 100 -23.50 9.51 -19.66
N TYR C 101 -24.21 9.99 -18.65
CA TYR C 101 -24.38 11.41 -18.43
C TYR C 101 -23.23 12.05 -17.65
N TYR C 102 -22.92 11.48 -16.48
CA TYR C 102 -21.86 12.00 -15.64
C TYR C 102 -20.88 10.90 -15.23
N VAL C 103 -19.77 11.32 -14.63
CA VAL C 103 -18.75 10.41 -14.10
C VAL C 103 -18.35 11.08 -12.79
N TYR C 104 -18.64 10.41 -11.68
CA TYR C 104 -18.33 10.99 -10.39
C TYR C 104 -17.02 10.55 -9.78
N ASN C 105 -16.12 11.50 -9.61
CA ASN C 105 -14.83 11.22 -9.01
C ASN C 105 -15.01 11.78 -7.61
N CYS C 106 -15.15 10.89 -6.65
CA CYS C 106 -15.37 11.28 -5.27
C CYS C 106 -14.12 11.73 -4.50
N LEU C 107 -14.21 12.93 -3.93
CA LEU C 107 -13.11 13.47 -3.16
C LEU C 107 -13.23 13.12 -1.66
N VAL C 108 -12.31 13.66 -0.87
CA VAL C 108 -12.28 13.38 0.55
C VAL C 108 -13.62 13.62 1.27
N ARG C 109 -13.98 12.71 2.15
CA ARG C 109 -15.19 12.81 2.95
C ARG C 109 -14.77 12.53 4.39
N THR C 110 -15.59 12.95 5.36
CA THR C 110 -15.26 12.71 6.76
C THR C 110 -16.48 12.52 7.62
N LYS C 111 -16.40 11.58 8.55
CA LYS C 111 -17.54 11.31 9.43
C LYS C 111 -17.81 12.48 10.37
N ARG C 112 -16.92 13.46 10.39
CA ARG C 112 -17.10 14.60 11.24
C ARG C 112 -17.97 15.65 10.58
N ALA C 113 -18.23 15.48 9.29
CA ALA C 113 -19.10 16.38 8.52
C ALA C 113 -19.72 15.53 7.41
N PRO C 114 -20.59 14.59 7.80
CA PRO C 114 -21.26 13.67 6.88
C PRO C 114 -21.95 14.30 5.69
N SER C 115 -22.40 15.53 5.86
CA SER C 115 -23.11 16.20 4.79
C SER C 115 -22.16 16.73 3.71
N LEU C 116 -20.86 16.65 3.98
CA LEU C 116 -19.87 17.13 3.02
C LEU C 116 -19.55 16.06 1.99
N VAL C 117 -19.98 16.29 0.75
CA VAL C 117 -19.71 15.35 -0.34
C VAL C 117 -19.14 16.09 -1.55
N PRO C 118 -17.81 16.22 -1.62
CA PRO C 118 -17.14 16.90 -2.72
C PRO C 118 -16.86 15.95 -3.89
N LEU C 119 -16.98 16.47 -5.10
CA LEU C 119 -16.80 15.67 -6.30
C LEU C 119 -16.16 16.42 -7.46
N VAL C 120 -15.45 15.69 -8.31
CA VAL C 120 -14.94 16.26 -9.55
C VAL C 120 -15.86 15.53 -10.51
N VAL C 121 -16.67 16.28 -11.24
CA VAL C 121 -17.63 15.68 -12.15
C VAL C 121 -17.30 15.85 -13.64
N ASP C 122 -17.34 14.73 -14.35
CA ASP C 122 -17.10 14.75 -15.79
C ASP C 122 -18.47 14.84 -16.46
N VAL C 123 -18.74 15.98 -17.07
CA VAL C 123 -19.98 16.24 -17.79
C VAL C 123 -19.74 15.67 -19.20
N LEU C 124 -20.30 14.49 -19.43
CA LEU C 124 -20.12 13.76 -20.68
C LEU C 124 -20.89 14.21 -21.93
N THR C 125 -22.16 14.55 -21.79
CA THR C 125 -22.93 14.97 -22.95
C THR C 125 -22.71 16.44 -23.27
N ASP C 126 -23.00 16.82 -24.52
CA ASP C 126 -22.82 18.19 -24.96
C ASP C 126 -23.98 18.66 -25.83
N ASN C 127 -25.17 18.19 -25.48
CA ASN C 127 -26.38 18.57 -26.18
C ASN C 127 -27.38 19.07 -25.14
N PRO C 128 -27.48 20.40 -24.98
CA PRO C 128 -28.40 21.01 -24.01
C PRO C 128 -29.81 20.46 -24.15
N ASP C 129 -30.21 20.20 -25.39
CA ASP C 129 -31.55 19.65 -25.68
C ASP C 129 -31.75 18.30 -25.00
N ASP C 130 -30.67 17.57 -24.75
CA ASP C 130 -30.76 16.26 -24.12
C ASP C 130 -30.42 16.32 -22.63
N ALA C 131 -30.43 17.52 -22.06
CA ALA C 131 -30.13 17.69 -20.65
C ALA C 131 -31.11 16.89 -19.81
N LYS C 132 -30.63 16.30 -18.72
CA LYS C 132 -31.49 15.51 -17.86
C LYS C 132 -31.39 15.97 -16.41
N PHE C 133 -32.54 16.37 -15.86
CA PHE C 133 -32.62 16.87 -14.50
C PHE C 133 -32.66 15.80 -13.43
N ASN C 134 -32.42 16.24 -12.20
CA ASN C 134 -32.52 15.40 -11.04
C ASN C 134 -33.70 16.10 -10.38
N SER C 135 -34.31 15.49 -9.38
CA SER C 135 -35.46 16.11 -8.72
C SER C 135 -35.01 17.04 -7.60
N GLY C 136 -33.85 17.68 -7.76
CA GLY C 136 -33.35 18.53 -6.71
C GLY C 136 -32.96 17.61 -5.57
N HIS C 137 -32.26 18.11 -4.55
CA HIS C 137 -31.86 17.25 -3.43
C HIS C 137 -31.58 18.05 -2.16
N ALA C 138 -31.50 17.33 -1.04
CA ALA C 138 -31.22 17.97 0.24
C ALA C 138 -29.80 18.51 0.27
N GLY C 139 -29.60 19.59 1.04
CA GLY C 139 -28.29 20.19 1.14
C GLY C 139 -27.94 21.12 -0.01
N ASN C 140 -27.23 22.20 0.29
CA ASN C 140 -26.83 23.16 -0.73
C ASN C 140 -25.64 22.61 -1.50
N GLU C 141 -25.37 23.22 -2.65
CA GLU C 141 -24.29 22.75 -3.48
C GLU C 141 -23.51 23.88 -4.08
N PHE C 142 -22.19 23.84 -3.90
CA PHE C 142 -21.31 24.84 -4.47
C PHE C 142 -20.67 24.23 -5.70
N LEU C 143 -20.60 24.99 -6.79
CA LEU C 143 -20.00 24.48 -8.02
C LEU C 143 -18.96 25.43 -8.60
N PHE C 144 -17.95 24.84 -9.21
CA PHE C 144 -16.87 25.57 -9.83
C PHE C 144 -16.61 24.87 -11.16
N VAL C 145 -16.60 25.63 -12.25
CA VAL C 145 -16.35 25.06 -13.58
C VAL C 145 -14.84 24.80 -13.71
N LEU C 146 -14.45 23.52 -13.68
CA LEU C 146 -13.02 23.18 -13.80
C LEU C 146 -12.50 23.28 -15.23
N GLU C 147 -13.34 22.93 -16.21
CA GLU C 147 -12.94 22.97 -17.60
C GLU C 147 -14.05 23.03 -18.61
N GLY C 148 -13.72 23.59 -19.78
CA GLY C 148 -14.67 23.72 -20.86
C GLY C 148 -15.77 24.70 -20.48
N GLU C 149 -16.88 24.62 -21.20
CA GLU C 149 -18.01 25.48 -20.93
C GLU C 149 -19.13 24.59 -20.46
N ILE C 150 -19.80 25.00 -19.39
CA ILE C 150 -20.88 24.22 -18.87
C ILE C 150 -22.17 24.94 -19.23
N HIS C 151 -23.18 24.18 -19.65
CA HIS C 151 -24.48 24.75 -19.97
C HIS C 151 -25.34 24.31 -18.80
N MET C 152 -25.75 25.27 -17.97
CA MET C 152 -26.54 24.95 -16.78
C MET C 152 -28.03 25.16 -16.93
N LYS C 153 -28.79 24.27 -16.32
CA LYS C 153 -30.25 24.35 -16.33
C LYS C 153 -30.80 24.08 -14.93
N TRP C 154 -31.67 24.95 -14.45
CA TRP C 154 -32.24 24.76 -13.12
C TRP C 154 -33.68 25.24 -13.05
N GLY C 155 -34.40 24.78 -12.03
CA GLY C 155 -35.79 25.17 -11.86
C GLY C 155 -36.77 24.13 -12.36
N ASP C 156 -37.72 24.58 -13.19
CA ASP C 156 -38.74 23.69 -13.75
C ASP C 156 -38.22 23.00 -15.02
N LYS C 157 -38.17 21.67 -15.00
CA LYS C 157 -37.67 20.93 -16.15
C LYS C 157 -38.37 21.29 -17.47
N GLU C 158 -39.65 21.63 -17.37
CA GLU C 158 -40.45 22.00 -18.55
C GLU C 158 -40.11 23.37 -19.11
N ASN C 159 -39.96 24.35 -18.22
CA ASN C 159 -39.59 25.72 -18.60
C ASN C 159 -38.54 26.20 -17.58
N PRO C 160 -37.27 25.83 -17.79
CA PRO C 160 -36.19 26.22 -16.87
C PRO C 160 -35.39 27.45 -17.25
N LYS C 161 -34.62 27.94 -16.28
CA LYS C 161 -33.73 29.07 -16.51
C LYS C 161 -32.40 28.45 -16.95
N GLU C 162 -31.63 29.19 -17.73
CA GLU C 162 -30.38 28.66 -18.23
C GLU C 162 -29.21 29.63 -18.10
N ALA C 163 -28.00 29.10 -18.22
CA ALA C 163 -26.80 29.91 -18.13
C ALA C 163 -25.63 29.14 -18.74
N LEU C 164 -24.85 29.84 -19.57
CA LEU C 164 -23.69 29.23 -20.19
C LEU C 164 -22.52 29.74 -19.32
N LEU C 165 -21.87 28.81 -18.63
CA LEU C 165 -20.78 29.16 -17.73
C LEU C 165 -19.39 28.83 -18.24
N PRO C 166 -18.51 29.83 -18.25
CA PRO C 166 -17.15 29.57 -18.71
C PRO C 166 -16.23 29.00 -17.63
N THR C 167 -15.10 28.46 -18.05
CA THR C 167 -14.15 27.90 -17.12
C THR C 167 -13.80 28.92 -16.06
N GLY C 168 -13.94 28.54 -14.78
CA GLY C 168 -13.61 29.45 -13.71
C GLY C 168 -14.82 30.09 -13.07
N ALA C 169 -15.98 29.88 -13.66
CA ALA C 169 -17.19 30.44 -13.10
C ALA C 169 -17.56 29.61 -11.85
N SER C 170 -18.32 30.20 -10.93
CA SER C 170 -18.75 29.50 -9.71
C SER C 170 -20.23 29.75 -9.49
N MET C 171 -20.94 28.71 -9.06
CA MET C 171 -22.37 28.81 -8.80
C MET C 171 -22.75 28.23 -7.45
N PHE C 172 -23.99 28.48 -7.06
CA PHE C 172 -24.55 27.96 -5.82
C PHE C 172 -25.98 27.58 -6.18
N VAL C 173 -26.38 26.36 -5.82
CA VAL C 173 -27.72 25.88 -6.08
C VAL C 173 -28.30 25.52 -4.73
N GLU C 174 -29.39 26.17 -4.34
CA GLU C 174 -30.00 25.89 -3.05
C GLU C 174 -30.59 24.50 -3.01
N GLU C 175 -30.77 23.98 -1.81
CA GLU C 175 -31.31 22.64 -1.66
C GLU C 175 -32.73 22.54 -2.22
N HIS C 176 -33.05 21.38 -2.79
CA HIS C 176 -34.35 21.10 -3.38
C HIS C 176 -34.53 21.68 -4.78
N VAL C 177 -33.65 22.60 -5.18
CA VAL C 177 -33.74 23.19 -6.50
C VAL C 177 -33.24 22.17 -7.52
N PRO C 178 -34.05 21.87 -8.55
CA PRO C 178 -33.65 20.89 -9.58
C PRO C 178 -32.63 21.50 -10.54
N HIS C 179 -31.68 20.68 -10.99
CA HIS C 179 -30.67 21.18 -11.90
C HIS C 179 -30.15 20.13 -12.88
N ALA C 180 -29.45 20.60 -13.91
CA ALA C 180 -28.89 19.73 -14.94
C ALA C 180 -27.73 20.43 -15.61
N PHE C 181 -26.75 19.65 -16.05
CA PHE C 181 -25.57 20.19 -16.70
C PHE C 181 -25.20 19.39 -17.93
N THR C 182 -24.54 20.05 -18.88
CA THR C 182 -24.05 19.39 -20.09
C THR C 182 -22.95 20.32 -20.53
N ALA C 183 -22.09 19.86 -21.42
CA ALA C 183 -21.02 20.72 -21.91
C ALA C 183 -21.71 21.68 -22.89
N ALA C 184 -21.08 22.84 -23.13
CA ALA C 184 -21.65 23.80 -24.05
C ALA C 184 -21.85 23.07 -25.37
N LYS C 185 -22.97 23.36 -26.05
CA LYS C 185 -23.32 22.73 -27.32
C LYS C 185 -22.12 22.44 -28.25
N GLY C 186 -21.93 21.17 -28.58
CA GLY C 186 -20.86 20.77 -29.47
C GLY C 186 -19.43 20.72 -28.96
N THR C 187 -19.16 21.31 -27.80
CA THR C 187 -17.81 21.32 -27.24
C THR C 187 -17.31 19.98 -26.70
N GLY C 188 -18.11 18.93 -26.87
CA GLY C 188 -17.72 17.60 -26.41
C GLY C 188 -17.94 17.26 -24.95
N SER C 189 -17.12 17.83 -24.07
CA SER C 189 -17.24 17.56 -22.65
C SER C 189 -16.71 18.71 -21.80
N ALA C 190 -17.06 18.68 -20.52
CA ALA C 190 -16.63 19.70 -19.57
C ALA C 190 -16.46 19.06 -18.19
N LYS C 191 -15.75 19.77 -17.31
CA LYS C 191 -15.54 19.27 -15.97
C LYS C 191 -15.80 20.33 -14.91
N LEU C 192 -16.50 19.95 -13.87
CA LEU C 192 -16.75 20.89 -12.79
C LEU C 192 -16.58 20.25 -11.42
N ILE C 193 -16.21 21.05 -10.43
CA ILE C 193 -16.07 20.56 -9.06
C ILE C 193 -17.40 20.84 -8.38
N ALA C 194 -17.97 19.82 -7.76
CA ALA C 194 -19.25 19.99 -7.10
C ALA C 194 -19.05 19.68 -5.63
N VAL C 195 -19.43 20.62 -4.79
CA VAL C 195 -19.31 20.41 -3.35
C VAL C 195 -20.65 20.48 -2.64
N ASN C 196 -21.14 19.33 -2.16
CA ASN C 196 -22.39 19.31 -1.40
C ASN C 196 -22.03 19.46 0.08
N PHE C 197 -22.68 20.38 0.76
CA PHE C 197 -22.38 20.59 2.18
C PHE C 197 -23.67 20.77 2.96
#